data_3HCG
#
_entry.id   3HCG
#
_cell.length_a   43.663
_cell.length_b   117.232
_cell.length_c   137.686
_cell.angle_alpha   90.000
_cell.angle_beta   90.000
_cell.angle_gamma   90.000
#
_symmetry.space_group_name_H-M   'P 21 21 21'
#
loop_
_entity.id
_entity.type
_entity.pdbx_description
1 polymer 'Peptide methionine sulfoxide reductase msrA/msrB'
2 non-polymer 'PHOSPHATE ION'
3 water water
#
_entity_poly.entity_id   1
_entity_poly.type   'polypeptide(L)'
_entity_poly.pdbx_seq_one_letter_code
;TYKKPSDAELKRTLTEEQYQVTQNSATEYAFSHEYDHLFKPGIYVDVVSGEPLFSSADKYDSGCGWPSFTRPIDAKSVTE
HDDFSYN(MSE)RRTEVRSHAADSHLGHVFPDGPRDKGGLRYCINGASLKFIPLEQ(MSE)DAAGYGALKSKVK
;
_entity_poly.pdbx_strand_id   A,B,C,D
#
loop_
_chem_comp.id
_chem_comp.type
_chem_comp.name
_chem_comp.formula
PO4 non-polymer 'PHOSPHATE ION' 'O4 P -3'
#
# COMPACT_ATOMS: atom_id res chain seq x y z
N TYR A 2 -22.50 23.07 -5.69
CA TYR A 2 -21.16 22.74 -5.07
C TYR A 2 -20.26 21.94 -6.00
N LYS A 3 -19.00 22.36 -6.06
CA LYS A 3 -17.97 21.67 -6.82
C LYS A 3 -16.89 21.20 -5.84
N LYS A 4 -16.70 19.89 -5.76
CA LYS A 4 -15.71 19.31 -4.87
C LYS A 4 -14.32 19.76 -5.33
N PRO A 5 -13.43 20.20 -4.41
CA PRO A 5 -12.11 20.56 -4.89
C PRO A 5 -11.49 19.41 -5.64
N SER A 6 -10.60 19.72 -6.58
CA SER A 6 -9.85 18.69 -7.28
C SER A 6 -9.10 17.80 -6.26
N ASP A 7 -8.79 16.59 -6.67
CA ASP A 7 -7.97 15.67 -5.87
C ASP A 7 -6.61 16.30 -5.51
N ALA A 8 -6.05 17.04 -6.45
CA ALA A 8 -4.74 17.65 -6.25
C ALA A 8 -4.90 18.72 -5.17
N GLU A 9 -6.02 19.43 -5.18
CA GLU A 9 -6.24 20.43 -4.14
C GLU A 9 -6.43 19.78 -2.77
N LEU A 10 -7.19 18.69 -2.75
CA LEU A 10 -7.45 17.91 -1.54
C LEU A 10 -6.21 17.35 -0.91
N LYS A 11 -5.26 16.90 -1.73
CA LYS A 11 -4.00 16.35 -1.19
C LYS A 11 -3.20 17.43 -0.48
N ARG A 12 -3.41 18.69 -0.87
CA ARG A 12 -2.68 19.82 -0.32
C ARG A 12 -3.39 20.55 0.80
N THR A 13 -4.65 20.21 1.02
CA THR A 13 -5.42 20.87 2.06
C THR A 13 -5.80 19.93 3.20
N LEU A 14 -6.15 18.68 2.88
CA LEU A 14 -6.55 17.72 3.90
C LEU A 14 -5.30 17.10 4.52
N THR A 15 -5.35 16.79 5.81
CA THR A 15 -4.28 15.98 6.42
C THR A 15 -4.29 14.59 5.76
N GLU A 16 -3.23 13.83 5.98
CA GLU A 16 -3.21 12.51 5.41
C GLU A 16 -4.39 11.70 5.94
N GLU A 17 -4.69 11.86 7.22
CA GLU A 17 -5.77 11.10 7.84
C GLU A 17 -7.14 11.52 7.25
N GLN A 18 -7.35 12.81 7.10
CA GLN A 18 -8.60 13.31 6.54
C GLN A 18 -8.76 12.85 5.12
N TYR A 19 -7.67 12.92 4.35
CA TYR A 19 -7.68 12.41 3.01
C TYR A 19 -7.95 10.91 2.92
N GLN A 20 -7.21 10.08 3.65
CA GLN A 20 -7.46 8.64 3.55
C GLN A 20 -8.89 8.29 3.89
N VAL A 21 -9.43 8.90 4.94
CA VAL A 21 -10.75 8.57 5.41
C VAL A 21 -11.72 9.08 4.38
N THR A 22 -11.61 10.35 4.03
CA THR A 22 -12.74 10.90 3.22
C THR A 22 -12.65 10.55 1.73
N GLN A 23 -11.43 10.37 1.23
CA GLN A 23 -11.23 10.13 -0.21
C GLN A 23 -11.05 8.66 -0.56
N ASN A 24 -10.41 7.91 0.33
CA ASN A 24 -10.11 6.49 0.14
C ASN A 24 -10.85 5.53 1.08
N SER A 25 -11.83 6.06 1.81
CA SER A 25 -12.76 5.30 2.65
C SER A 25 -12.02 4.55 3.74
N ALA A 26 -10.93 5.12 4.23
CA ALA A 26 -10.27 4.59 5.43
C ALA A 26 -11.15 4.75 6.65
N THR A 27 -10.85 3.95 7.67
CA THR A 27 -11.58 4.01 8.93
C THR A 27 -10.55 4.47 9.94
N GLU A 28 -10.85 5.45 10.77
CA GLU A 28 -9.86 5.93 11.75
C GLU A 28 -9.83 4.89 12.88
N TYR A 29 -8.72 4.80 13.62
CA TYR A 29 -8.68 3.87 14.74
C TYR A 29 -9.83 4.10 15.70
N ALA A 30 -10.45 3.01 16.19
CA ALA A 30 -11.54 3.12 17.19
C ALA A 30 -11.08 3.86 18.41
N PHE A 31 -11.95 4.73 18.93
CA PHE A 31 -11.65 5.54 20.14
C PHE A 31 -10.53 6.59 20.00
N SER A 32 -10.06 6.83 18.77
CA SER A 32 -8.91 7.71 18.59
C SER A 32 -9.23 9.18 18.44
N HIS A 33 -10.42 9.51 17.93
CA HIS A 33 -10.67 10.88 17.60
C HIS A 33 -11.31 11.65 18.75
N GLU A 34 -10.95 12.93 18.90
CA GLU A 34 -11.49 13.81 19.94
C GLU A 34 -13.02 13.89 19.86
N TYR A 35 -13.60 13.81 18.67
CA TYR A 35 -15.05 13.88 18.53
C TYR A 35 -15.78 12.65 19.06
N ASP A 36 -15.05 11.58 19.31
CA ASP A 36 -15.67 10.36 19.81
C ASP A 36 -16.40 10.66 21.12
N HIS A 37 -15.75 11.37 22.02
CA HIS A 37 -16.35 11.65 23.31
C HIS A 37 -16.70 13.13 23.48
N LEU A 38 -16.83 13.86 22.36
CA LEU A 38 -17.29 15.22 22.41
C LEU A 38 -18.82 15.24 22.44
N PHE A 39 -19.37 15.89 23.45
CA PHE A 39 -20.81 16.11 23.54
C PHE A 39 -21.01 17.55 23.98
N LYS A 40 -20.73 18.50 23.09
CA LYS A 40 -20.95 19.92 23.35
C LYS A 40 -21.93 20.35 22.28
N PRO A 41 -22.77 21.35 22.59
CA PRO A 41 -23.75 21.75 21.56
C PRO A 41 -23.08 22.35 20.33
N GLY A 42 -23.56 21.95 19.16
CA GLY A 42 -23.07 22.48 17.88
C GLY A 42 -23.41 21.51 16.74
N ILE A 43 -22.85 21.72 15.55
CA ILE A 43 -23.07 20.80 14.47
C ILE A 43 -21.75 20.28 13.94
N TYR A 44 -21.81 19.16 13.25
CA TYR A 44 -20.64 18.54 12.63
C TYR A 44 -20.80 18.65 11.15
N VAL A 45 -19.80 19.22 10.48
CA VAL A 45 -19.90 19.54 9.05
C VAL A 45 -18.89 18.70 8.32
N ASP A 46 -19.12 18.47 7.03
CA ASP A 46 -18.15 17.78 6.16
C ASP A 46 -16.81 18.52 6.19
N VAL A 47 -15.73 17.82 6.54
CA VAL A 47 -14.42 18.46 6.63
C VAL A 47 -13.98 19.04 5.28
N VAL A 48 -14.50 18.50 4.19
CA VAL A 48 -14.11 18.87 2.85
C VAL A 48 -14.88 20.11 2.40
N SER A 49 -16.18 20.11 2.64
CA SER A 49 -17.06 21.11 2.02
C SER A 49 -17.74 22.07 2.99
N GLY A 50 -17.76 21.73 4.26
CA GLY A 50 -18.56 22.49 5.24
C GLY A 50 -20.06 22.23 5.23
N GLU A 51 -20.51 21.29 4.40
CA GLU A 51 -21.91 20.84 4.40
C GLU A 51 -22.29 20.32 5.80
N PRO A 52 -23.37 20.86 6.38
CA PRO A 52 -23.78 20.27 7.68
C PRO A 52 -24.17 18.81 7.53
N LEU A 53 -23.71 17.98 8.47
CA LEU A 53 -23.95 16.55 8.40
C LEU A 53 -24.72 16.03 9.61
N PHE A 54 -24.33 16.44 10.80
CA PHE A 54 -24.93 15.93 12.02
C PHE A 54 -25.05 17.00 13.07
N SER A 55 -26.13 16.91 13.86
CA SER A 55 -26.35 17.81 14.97
C SER A 55 -25.88 17.10 16.23
N SER A 56 -25.29 17.87 17.13
CA SER A 56 -24.98 17.39 18.48
C SER A 56 -26.21 16.86 19.20
N ALA A 57 -27.42 17.37 18.86
CA ALA A 57 -28.64 16.84 19.49
C ALA A 57 -28.84 15.33 19.24
N ASP A 58 -28.26 14.82 18.16
CA ASP A 58 -28.51 13.45 17.73
C ASP A 58 -27.31 12.58 18.02
N LYS A 59 -26.35 13.13 18.75
CA LYS A 59 -25.14 12.38 19.02
C LYS A 59 -25.28 11.67 20.35
N TYR A 60 -24.68 10.49 20.49
CA TYR A 60 -24.70 9.76 21.74
C TYR A 60 -23.48 8.86 21.84
N ASP A 61 -23.18 8.38 23.04
CA ASP A 61 -22.01 7.52 23.22
C ASP A 61 -22.50 6.09 23.06
N SER A 62 -22.17 5.51 21.92
CA SER A 62 -22.60 4.19 21.59
C SER A 62 -21.63 3.11 22.08
N GLY A 63 -20.51 3.55 22.64
CA GLY A 63 -19.41 2.65 23.00
C GLY A 63 -18.68 1.95 21.86
N CYS A 64 -18.94 2.36 20.61
N CYS A 64 -18.93 2.35 20.61
CA CYS A 64 -18.41 1.67 19.44
CA CYS A 64 -18.37 1.63 19.45
C CYS A 64 -16.99 2.11 19.01
C CYS A 64 -16.97 2.09 19.04
N GLY A 65 -16.63 3.35 19.32
CA GLY A 65 -15.31 3.86 18.99
C GLY A 65 -15.27 5.05 18.07
N TRP A 66 -16.45 5.47 17.57
CA TRP A 66 -16.50 6.61 16.64
C TRP A 66 -17.69 7.49 17.00
N PRO A 67 -17.61 8.80 16.69
CA PRO A 67 -18.78 9.64 16.82
C PRO A 67 -19.98 8.85 16.30
N SER A 68 -21.03 8.80 17.09
CA SER A 68 -22.25 8.07 16.84
C SER A 68 -23.49 8.97 16.92
N PHE A 69 -24.31 8.87 15.90
CA PHE A 69 -25.48 9.68 15.72
C PHE A 69 -26.69 8.84 15.33
N THR A 70 -27.84 9.26 15.86
CA THR A 70 -29.12 8.65 15.54
C THR A 70 -29.52 8.89 14.08
N ARG A 71 -29.24 10.10 13.60
CA ARG A 71 -29.72 10.53 12.30
C ARG A 71 -28.78 11.58 11.78
N PRO A 72 -28.78 11.83 10.47
CA PRO A 72 -28.12 13.00 9.88
C PRO A 72 -28.94 14.27 10.16
N ILE A 73 -28.33 15.42 10.03
CA ILE A 73 -28.97 16.65 10.46
C ILE A 73 -30.19 16.91 9.56
N ASP A 74 -30.11 16.36 8.36
N ASP A 74 -30.11 16.48 8.30
CA ASP A 74 -31.15 16.49 7.37
CA ASP A 74 -31.28 16.49 7.41
C ASP A 74 -31.21 15.19 6.58
C ASP A 74 -31.19 15.30 6.47
N ALA A 75 -32.33 14.90 5.91
CA ALA A 75 -32.42 13.64 5.15
C ALA A 75 -31.45 13.57 3.97
N LYS A 76 -31.25 14.70 3.30
CA LYS A 76 -30.45 14.71 2.08
C LYS A 76 -28.95 14.94 2.31
N SER A 77 -28.52 15.16 3.53
N SER A 77 -28.55 15.15 3.56
CA SER A 77 -27.10 15.49 3.74
CA SER A 77 -27.16 15.43 3.95
C SER A 77 -26.15 14.32 3.52
C SER A 77 -26.18 14.33 3.54
N VAL A 78 -26.65 13.09 3.64
CA VAL A 78 -25.79 11.92 3.44
C VAL A 78 -26.40 10.98 2.45
N THR A 79 -25.57 10.12 1.89
CA THR A 79 -26.03 9.09 0.97
C THR A 79 -25.52 7.77 1.50
N GLU A 80 -26.20 6.69 1.10
CA GLU A 80 -25.89 5.37 1.61
C GLU A 80 -25.49 4.46 0.47
N HIS A 81 -24.54 3.56 0.73
CA HIS A 81 -23.95 2.77 -0.33
C HIS A 81 -23.60 1.42 0.24
N ASP A 82 -24.00 0.36 -0.45
CA ASP A 82 -23.71 -1.00 0.00
C ASP A 82 -22.27 -1.35 -0.23
N ASP A 83 -21.66 -2.05 0.72
CA ASP A 83 -20.41 -2.70 0.42
C ASP A 83 -20.40 -4.02 1.16
N PHE A 84 -19.39 -4.84 0.93
CA PHE A 84 -19.45 -6.22 1.38
C PHE A 84 -18.11 -6.65 1.84
N SER A 85 -18.12 -7.45 2.89
N SER A 85 -18.11 -7.48 2.88
CA SER A 85 -16.92 -8.18 3.31
CA SER A 85 -16.91 -8.17 3.37
C SER A 85 -17.42 -9.60 3.48
C SER A 85 -17.36 -9.61 3.58
N TYR A 86 -16.69 -10.55 2.91
CA TYR A 86 -17.20 -11.92 2.80
C TYR A 86 -18.66 -11.98 2.34
N ASN A 87 -19.02 -11.18 1.35
CA ASN A 87 -20.40 -11.17 0.87
C ASN A 87 -21.44 -10.77 1.93
N MSE A 88 -20.98 -10.16 3.02
CA MSE A 88 -21.86 -9.69 4.08
C MSE A 88 -21.98 -8.18 3.96
O MSE A 88 -21.00 -7.46 3.98
CB MSE A 88 -21.27 -10.06 5.43
CG MSE A 88 -21.20 -11.52 5.61
SE MSE A 88 -19.97 -11.98 7.09
CE MSE A 88 -21.36 -11.87 8.44
N ARG A 89 -23.21 -7.71 3.82
CA ARG A 89 -23.45 -6.32 3.51
C ARG A 89 -23.23 -5.39 4.69
N ARG A 90 -22.73 -4.22 4.39
CA ARG A 90 -22.66 -3.11 5.34
C ARG A 90 -23.13 -1.89 4.56
N THR A 91 -23.57 -0.84 5.26
CA THR A 91 -23.99 0.35 4.56
C THR A 91 -23.03 1.49 4.88
N GLU A 92 -22.33 1.93 3.85
CA GLU A 92 -21.44 3.07 3.92
C GLU A 92 -22.26 4.35 3.81
N VAL A 93 -21.81 5.39 4.52
CA VAL A 93 -22.47 6.68 4.51
C VAL A 93 -21.47 7.70 3.97
N ARG A 94 -21.92 8.48 2.99
N ARG A 94 -21.92 8.52 3.02
CA ARG A 94 -21.10 9.50 2.34
CA ARG A 94 -21.08 9.53 2.42
C ARG A 94 -21.84 10.83 2.41
C ARG A 94 -21.83 10.83 2.39
N SER A 95 -21.11 11.94 2.36
CA SER A 95 -21.75 13.28 2.31
C SER A 95 -22.40 13.52 0.95
N HIS A 96 -23.48 14.29 0.97
CA HIS A 96 -24.16 14.55 -0.26
C HIS A 96 -23.37 15.41 -1.26
N ALA A 97 -22.88 16.58 -0.85
CA ALA A 97 -22.30 17.56 -1.79
C ALA A 97 -20.91 17.11 -2.24
N ALA A 98 -20.06 16.80 -1.27
CA ALA A 98 -18.66 16.50 -1.58
C ALA A 98 -18.32 15.03 -1.72
N ASP A 99 -19.29 14.16 -1.44
CA ASP A 99 -19.14 12.73 -1.56
C ASP A 99 -17.93 12.27 -0.74
N SER A 100 -17.78 12.84 0.44
CA SER A 100 -16.74 12.33 1.38
C SER A 100 -17.21 11.04 2.03
N HIS A 101 -16.34 10.04 2.16
CA HIS A 101 -16.66 8.87 2.97
C HIS A 101 -16.78 9.38 4.40
N LEU A 102 -17.88 9.07 5.07
CA LEU A 102 -18.07 9.52 6.46
C LEU A 102 -17.90 8.34 7.41
N GLY A 103 -18.62 7.28 7.13
CA GLY A 103 -18.62 6.11 7.99
C GLY A 103 -19.61 5.07 7.51
N HIS A 104 -20.35 4.51 8.46
CA HIS A 104 -21.28 3.44 8.18
C HIS A 104 -22.50 3.66 9.05
N VAL A 105 -23.59 3.05 8.65
CA VAL A 105 -24.84 3.13 9.40
C VAL A 105 -25.30 1.72 9.64
N PHE A 106 -25.80 1.52 10.84
CA PHE A 106 -26.20 0.21 11.34
C PHE A 106 -27.63 0.19 11.82
N PRO A 107 -28.32 -0.95 11.62
CA PRO A 107 -29.74 -1.08 11.93
C PRO A 107 -30.04 -1.36 13.40
N ASP A 108 -29.03 -1.35 14.25
CA ASP A 108 -29.27 -1.69 15.64
C ASP A 108 -28.95 -0.50 16.56
N GLY A 109 -29.37 0.71 16.15
CA GLY A 109 -29.31 1.88 17.04
C GLY A 109 -30.56 1.96 17.89
N PRO A 110 -30.70 3.01 18.73
CA PRO A 110 -31.80 3.07 19.68
C PRO A 110 -33.16 3.22 18.99
N ARG A 111 -34.05 2.29 19.30
CA ARG A 111 -35.34 2.24 18.60
C ARG A 111 -36.16 3.51 18.76
N ASP A 112 -36.14 4.09 19.95
CA ASP A 112 -36.98 5.29 20.19
C ASP A 112 -36.43 6.56 19.58
N LYS A 113 -35.29 6.44 18.89
CA LYS A 113 -34.69 7.54 18.13
C LYS A 113 -34.60 7.21 16.64
N GLY A 114 -35.25 6.12 16.21
CA GLY A 114 -35.27 5.71 14.78
C GLY A 114 -34.58 4.41 14.44
N GLY A 115 -33.94 3.78 15.42
CA GLY A 115 -33.39 2.46 15.17
C GLY A 115 -32.05 2.42 14.46
N LEU A 116 -31.48 3.60 14.15
CA LEU A 116 -30.22 3.64 13.40
C LEU A 116 -29.07 4.22 14.21
N ARG A 117 -27.86 3.76 13.87
CA ARG A 117 -26.62 4.26 14.45
C ARG A 117 -25.70 4.59 13.32
N TYR A 118 -25.45 5.87 13.15
CA TYR A 118 -24.43 6.34 12.21
C TYR A 118 -23.14 6.43 12.97
N CYS A 119 -22.21 5.53 12.65
N CYS A 119 -22.19 5.66 12.49
CA CYS A 119 -20.87 5.58 13.25
CA CYS A 119 -20.92 5.54 13.13
C CYS A 119 -19.98 6.24 12.23
C CYS A 119 -19.92 6.22 12.21
N ILE A 120 -19.48 7.43 12.57
CA ILE A 120 -18.80 8.30 11.62
C ILE A 120 -17.40 8.58 12.08
N ASN A 121 -16.45 8.47 11.15
CA ASN A 121 -15.10 8.94 11.41
C ASN A 121 -15.05 10.42 11.80
N GLY A 122 -14.47 10.72 12.97
CA GLY A 122 -14.30 12.14 13.35
C GLY A 122 -13.44 12.86 12.30
N ALA A 123 -12.56 12.13 11.60
CA ALA A 123 -11.63 12.68 10.63
C ALA A 123 -12.43 13.26 9.48
N SER A 124 -13.64 12.75 9.26
CA SER A 124 -14.48 13.25 8.14
C SER A 124 -15.23 14.55 8.50
N LEU A 125 -15.12 14.96 9.76
CA LEU A 125 -15.96 16.03 10.33
C LEU A 125 -15.20 17.22 10.86
N LYS A 126 -15.87 18.37 10.90
CA LYS A 126 -15.36 19.47 11.68
C LYS A 126 -16.49 19.91 12.60
N PHE A 127 -16.20 20.05 13.89
CA PHE A 127 -17.20 20.53 14.84
C PHE A 127 -17.33 22.05 14.88
N ILE A 128 -18.55 22.55 14.67
CA ILE A 128 -18.82 23.96 14.88
C ILE A 128 -19.61 24.15 16.17
N PRO A 129 -18.98 24.74 17.21
CA PRO A 129 -19.74 24.90 18.45
C PRO A 129 -20.94 25.83 18.26
N LEU A 130 -22.00 25.59 19.03
CA LEU A 130 -23.18 26.43 18.99
C LEU A 130 -22.83 27.94 18.98
N GLU A 131 -22.01 28.35 19.93
CA GLU A 131 -21.68 29.77 20.08
C GLU A 131 -20.92 30.35 18.87
N GLN A 132 -20.51 29.50 17.92
CA GLN A 132 -19.76 29.96 16.75
C GLN A 132 -20.53 29.83 15.47
N MSE A 133 -21.74 29.28 15.54
CA MSE A 133 -22.46 28.93 14.34
C MSE A 133 -22.92 30.13 13.56
O MSE A 133 -22.94 30.11 12.34
CB MSE A 133 -23.64 28.03 14.64
CG MSE A 133 -23.18 26.58 15.02
SE MSE A 133 -24.67 25.47 15.53
CE MSE A 133 -25.73 25.60 13.92
N ASP A 134 -23.32 31.18 14.25
CA ASP A 134 -23.78 32.36 13.49
C ASP A 134 -22.64 32.91 12.65
N ALA A 135 -21.51 33.12 13.30
CA ALA A 135 -20.31 33.62 12.66
C ALA A 135 -19.81 32.73 11.50
N ALA A 136 -19.97 31.41 11.63
CA ALA A 136 -19.52 30.47 10.59
C ALA A 136 -20.51 30.32 9.42
N GLY A 137 -21.65 30.96 9.51
CA GLY A 137 -22.62 30.96 8.43
C GLY A 137 -23.72 29.93 8.64
N TYR A 138 -23.70 29.25 9.79
CA TYR A 138 -24.69 28.20 10.10
C TYR A 138 -25.83 28.62 11.05
N GLY A 139 -26.05 29.92 11.21
CA GLY A 139 -27.15 30.37 12.06
C GLY A 139 -28.51 29.71 11.85
N ALA A 140 -28.89 29.43 10.60
CA ALA A 140 -30.22 28.85 10.30
C ALA A 140 -30.39 27.41 10.81
N LEU A 141 -29.30 26.83 11.28
CA LEU A 141 -29.29 25.47 11.78
C LEU A 141 -29.11 25.39 13.28
N LYS A 142 -28.93 26.54 13.94
CA LYS A 142 -28.92 26.53 15.42
C LYS A 142 -30.11 25.81 16.05
N SER A 143 -31.31 25.96 15.48
CA SER A 143 -32.49 25.31 16.02
C SER A 143 -32.40 23.76 16.12
N LYS A 144 -31.50 23.15 15.35
CA LYS A 144 -31.29 21.69 15.36
C LYS A 144 -30.40 21.24 16.53
N VAL A 145 -29.80 22.20 17.23
CA VAL A 145 -28.79 21.84 18.26
C VAL A 145 -29.41 21.43 19.60
N LYS A 146 -30.56 22.02 19.95
CA LYS A 146 -31.32 21.60 21.13
C LYS A 146 -32.78 21.60 20.78
N TYR B 2 16.40 14.81 19.42
CA TYR B 2 15.11 14.95 18.68
C TYR B 2 14.46 13.59 18.41
N LYS B 3 13.14 13.55 18.38
CA LYS B 3 12.41 12.32 18.15
C LYS B 3 11.38 12.60 17.07
N LYS B 4 11.37 11.78 16.02
CA LYS B 4 10.41 11.90 14.93
C LYS B 4 9.00 11.72 15.51
N PRO B 5 8.04 12.59 15.13
CA PRO B 5 6.67 12.31 15.61
C PRO B 5 6.23 10.92 15.16
N SER B 6 5.35 10.29 15.93
CA SER B 6 4.75 9.02 15.54
C SER B 6 4.07 9.18 14.17
N ASP B 7 3.95 8.07 13.46
CA ASP B 7 3.21 8.03 12.23
C ASP B 7 1.77 8.54 12.39
N ALA B 8 1.11 8.10 13.46
CA ALA B 8 -0.22 8.60 13.83
C ALA B 8 -0.25 10.12 13.91
N GLU B 9 0.75 10.73 14.55
CA GLU B 9 0.77 12.17 14.65
C GLU B 9 1.04 12.75 13.28
N LEU B 10 1.91 12.09 12.51
CA LEU B 10 2.25 12.62 11.21
C LEU B 10 1.04 12.64 10.31
N LYS B 11 0.22 11.60 10.37
CA LYS B 11 -1.00 11.50 9.51
C LYS B 11 -1.98 12.63 9.80
N ARG B 12 -1.95 13.12 11.05
CA ARG B 12 -2.86 14.17 11.54
C ARG B 12 -2.26 15.56 11.47
N THR B 13 -0.98 15.64 11.10
CA THR B 13 -0.31 16.94 11.00
C THR B 13 0.11 17.26 9.55
N LEU B 14 0.61 16.26 8.82
CA LEU B 14 1.06 16.53 7.44
C LEU B 14 -0.15 16.51 6.53
N THR B 15 -0.14 17.32 5.46
CA THR B 15 -1.09 17.09 4.38
C THR B 15 -0.84 15.70 3.77
N GLU B 16 -1.81 15.21 2.99
N GLU B 16 -1.81 15.23 2.99
CA GLU B 16 -1.66 13.98 2.25
CA GLU B 16 -1.70 13.99 2.25
C GLU B 16 -0.38 14.06 1.40
C GLU B 16 -0.46 14.02 1.31
N GLU B 17 -0.24 15.18 0.69
CA GLU B 17 0.91 15.38 -0.21
C GLU B 17 2.23 15.35 0.59
N GLN B 18 2.29 16.06 1.71
CA GLN B 18 3.55 16.11 2.48
C GLN B 18 3.81 14.75 3.05
N TYR B 19 2.74 14.09 3.45
CA TYR B 19 2.90 12.76 4.04
C TYR B 19 3.36 11.75 2.99
N GLN B 20 2.72 11.74 1.83
CA GLN B 20 3.08 10.77 0.79
C GLN B 20 4.54 10.95 0.37
N VAL B 21 4.93 12.19 0.16
CA VAL B 21 6.32 12.48 -0.26
C VAL B 21 7.28 12.08 0.89
N THR B 22 7.07 12.62 2.08
CA THR B 22 8.13 12.49 3.11
C THR B 22 8.14 11.11 3.72
N GLN B 23 6.98 10.47 3.80
CA GLN B 23 6.87 9.21 4.50
C GLN B 23 6.87 8.06 3.54
N ASN B 24 6.27 8.27 2.36
CA ASN B 24 6.14 7.19 1.39
C ASN B 24 6.99 7.35 0.12
N SER B 25 7.88 8.32 0.14
CA SER B 25 8.83 8.52 -0.95
C SER B 25 8.17 8.81 -2.29
N ALA B 26 6.95 9.34 -2.25
CA ALA B 26 6.31 9.84 -3.48
C ALA B 26 7.07 11.04 -4.04
N THR B 27 6.73 11.40 -5.29
CA THR B 27 7.39 12.47 -5.98
C THR B 27 6.28 13.39 -6.47
N GLU B 28 6.39 14.65 -6.09
CA GLU B 28 5.34 15.62 -6.46
C GLU B 28 5.35 15.88 -7.97
N TYR B 29 4.27 16.44 -8.48
CA TYR B 29 4.13 16.63 -9.91
C TYR B 29 5.09 17.71 -10.40
N ALA B 30 5.72 17.51 -11.58
CA ALA B 30 6.65 18.50 -12.17
C ALA B 30 6.06 19.91 -12.16
N PHE B 31 6.85 20.89 -11.69
CA PHE B 31 6.46 22.31 -11.68
C PHE B 31 5.30 22.68 -10.73
N SER B 32 4.83 21.71 -9.97
CA SER B 32 3.64 21.89 -9.12
C SER B 32 3.86 22.73 -7.88
N HIS B 33 5.04 22.64 -7.27
CA HIS B 33 5.19 23.27 -5.97
C HIS B 33 5.68 24.70 -6.07
N GLU B 34 5.19 25.58 -5.20
CA GLU B 34 5.67 26.98 -5.20
C GLU B 34 7.19 27.12 -5.05
N TYR B 35 7.83 26.20 -4.32
CA TYR B 35 9.28 26.29 -4.14
C TYR B 35 10.05 25.99 -5.41
N ASP B 36 9.39 25.40 -6.39
CA ASP B 36 10.03 25.16 -7.66
C ASP B 36 10.47 26.48 -8.26
N HIS B 37 9.65 27.52 -8.08
CA HIS B 37 9.97 28.81 -8.69
C HIS B 37 10.32 29.90 -7.68
N LEU B 38 10.68 29.49 -6.46
CA LEU B 38 11.01 30.43 -5.40
C LEU B 38 12.50 30.63 -5.30
N PHE B 39 12.94 31.89 -5.30
CA PHE B 39 14.35 32.22 -5.30
C PHE B 39 14.68 33.40 -4.42
N LYS B 40 14.03 33.43 -3.25
CA LYS B 40 14.20 34.47 -2.26
C LYS B 40 15.16 34.01 -1.19
N PRO B 41 15.90 34.96 -0.56
CA PRO B 41 16.86 34.53 0.46
C PRO B 41 16.16 33.95 1.70
N GLY B 42 16.74 32.89 2.25
CA GLY B 42 16.17 32.21 3.37
C GLY B 42 16.69 30.79 3.38
N ILE B 43 16.08 29.97 4.21
CA ILE B 43 16.48 28.56 4.24
C ILE B 43 15.25 27.63 4.07
N TYR B 44 15.53 26.41 3.62
CA TYR B 44 14.52 25.36 3.49
C TYR B 44 14.80 24.36 4.58
N VAL B 45 13.79 24.18 5.42
CA VAL B 45 13.83 23.20 6.52
C VAL B 45 12.89 22.00 6.27
N ASP B 46 13.18 20.91 6.96
CA ASP B 46 12.39 19.71 6.87
C ASP B 46 10.97 20.05 7.39
N VAL B 47 9.97 19.79 6.57
CA VAL B 47 8.60 20.12 6.96
C VAL B 47 8.18 19.40 8.25
N VAL B 48 8.79 18.25 8.51
CA VAL B 48 8.42 17.43 9.67
C VAL B 48 9.03 18.03 10.92
N SER B 49 10.29 18.41 10.87
CA SER B 49 11.08 18.64 12.07
C SER B 49 11.55 20.08 12.24
N GLY B 50 11.56 20.85 11.16
CA GLY B 50 12.21 22.13 11.18
C GLY B 50 13.74 22.11 11.15
N GLU B 51 14.33 20.93 10.93
CA GLU B 51 15.79 20.81 10.69
C GLU B 51 16.17 21.56 9.43
N PRO B 52 17.15 22.47 9.51
CA PRO B 52 17.67 23.12 8.31
C PRO B 52 18.17 22.11 7.28
N LEU B 53 17.80 22.30 6.02
CA LEU B 53 18.25 21.34 4.99
C LEU B 53 19.04 21.97 3.87
N PHE B 54 18.50 23.07 3.33
CA PHE B 54 19.10 23.76 2.20
C PHE B 54 19.08 25.26 2.42
N SER B 55 20.11 25.89 1.88
CA SER B 55 20.18 27.33 1.81
C SER B 55 19.70 27.84 0.46
N SER B 56 19.05 28.99 0.49
CA SER B 56 18.68 29.66 -0.74
C SER B 56 19.91 29.93 -1.62
N ALA B 57 21.07 30.08 -0.97
CA ALA B 57 22.33 30.35 -1.65
C ALA B 57 22.72 29.22 -2.58
N ASP B 58 22.28 28.01 -2.25
CA ASP B 58 22.62 26.85 -3.04
C ASP B 58 21.49 26.36 -3.93
N LYS B 59 20.45 27.17 -4.04
CA LYS B 59 19.29 26.82 -4.87
C LYS B 59 19.51 27.43 -6.23
N TYR B 60 19.18 26.67 -7.27
CA TYR B 60 19.32 27.22 -8.60
C TYR B 60 18.20 26.69 -9.46
N ASP B 61 17.98 27.32 -10.60
CA ASP B 61 16.88 26.88 -11.42
C ASP B 61 17.34 25.87 -12.45
N SER B 62 17.25 24.58 -12.12
CA SER B 62 17.69 23.56 -13.07
C SER B 62 16.68 23.35 -14.17
N GLY B 63 15.48 23.91 -14.02
CA GLY B 63 14.46 23.83 -15.05
C GLY B 63 13.70 22.52 -15.18
N CYS B 64 13.99 21.54 -14.31
CA CYS B 64 13.50 20.18 -14.50
C CYS B 64 12.05 19.98 -13.98
N GLY B 65 11.61 20.84 -13.07
CA GLY B 65 10.27 20.71 -12.50
C GLY B 65 10.24 20.59 -11.00
N TRP B 66 11.44 20.45 -10.38
CA TRP B 66 11.56 20.33 -8.93
C TRP B 66 12.64 21.26 -8.36
N PRO B 67 12.44 21.76 -7.13
CA PRO B 67 13.43 22.58 -6.48
C PRO B 67 14.76 21.86 -6.64
N SER B 68 15.80 22.61 -6.97
N SER B 68 15.78 22.60 -7.00
CA SER B 68 17.13 22.00 -7.15
CA SER B 68 17.13 22.03 -7.16
C SER B 68 18.21 22.81 -6.50
C SER B 68 18.12 22.82 -6.35
N PHE B 69 19.09 22.10 -5.78
CA PHE B 69 20.12 22.72 -4.99
C PHE B 69 21.42 22.02 -5.35
N THR B 70 22.54 22.69 -5.10
CA THR B 70 23.85 22.15 -5.43
C THR B 70 24.42 21.39 -4.23
N ARG B 71 23.88 21.69 -3.05
CA ARG B 71 24.36 21.03 -1.83
C ARG B 71 23.36 21.26 -0.69
N PRO B 72 23.41 20.40 0.33
CA PRO B 72 22.71 20.58 1.58
C PRO B 72 23.40 21.71 2.38
N ILE B 73 22.68 22.28 3.32
CA ILE B 73 23.19 23.44 4.06
C ILE B 73 24.36 22.98 4.93
N ASP B 74 24.34 21.72 5.32
CA ASP B 74 25.48 21.10 6.00
C ASP B 74 25.52 19.67 5.48
N ALA B 75 26.73 19.12 5.35
CA ALA B 75 26.90 17.75 4.85
C ALA B 75 26.09 16.74 5.63
N LYS B 76 25.96 16.94 6.94
CA LYS B 76 25.25 16.00 7.81
C LYS B 76 23.73 16.24 7.92
N SER B 77 23.24 17.30 7.26
CA SER B 77 21.81 17.62 7.28
C SER B 77 20.97 16.56 6.57
N VAL B 78 21.61 15.83 5.66
CA VAL B 78 20.88 14.86 4.86
C VAL B 78 21.59 13.51 4.92
N THR B 79 20.90 12.44 4.56
CA THR B 79 21.53 11.14 4.48
C THR B 79 21.25 10.59 3.10
N GLU B 80 22.16 9.77 2.60
CA GLU B 80 22.01 9.21 1.25
C GLU B 80 21.73 7.76 1.29
N HIS B 81 20.86 7.31 0.38
CA HIS B 81 20.42 5.93 0.38
C HIS B 81 20.35 5.41 -1.03
N ASP B 82 20.78 4.17 -1.26
CA ASP B 82 20.59 3.61 -2.60
C ASP B 82 19.12 3.37 -2.88
N ASP B 83 18.70 3.77 -4.07
CA ASP B 83 17.36 3.53 -4.53
C ASP B 83 17.48 2.74 -5.82
N PHE B 84 17.06 1.48 -5.76
CA PHE B 84 17.24 0.57 -6.87
C PHE B 84 15.98 0.49 -7.71
N SER B 85 15.07 1.43 -7.52
CA SER B 85 13.89 1.50 -8.38
C SER B 85 14.26 1.54 -9.86
N TYR B 86 13.48 0.84 -10.68
CA TYR B 86 13.57 0.88 -12.13
C TYR B 86 14.81 0.25 -12.73
N ASN B 87 15.40 -0.73 -12.04
CA ASN B 87 16.62 -1.38 -12.52
C ASN B 87 17.80 -0.43 -12.70
N MSE B 88 17.87 0.55 -11.83
CA MSE B 88 19.00 1.45 -11.83
C MSE B 88 19.30 1.83 -10.40
O MSE B 88 18.50 1.57 -9.51
CB MSE B 88 18.69 2.68 -12.65
CG MSE B 88 17.54 3.46 -12.12
SE MSE B 88 17.15 4.95 -13.34
CE MSE B 88 15.94 4.11 -14.62
N ARG B 89 20.44 2.46 -10.20
CA ARG B 89 20.81 2.92 -8.89
C ARG B 89 20.81 4.43 -8.89
N ARG B 90 20.01 5.02 -8.02
CA ARG B 90 19.97 6.45 -7.84
C ARG B 90 20.19 6.70 -6.37
N THR B 91 20.67 7.89 -6.03
CA THR B 91 20.91 8.20 -4.65
C THR B 91 19.74 9.01 -4.13
N GLU B 92 18.99 8.38 -3.26
CA GLU B 92 17.94 9.06 -2.54
C GLU B 92 18.53 9.91 -1.43
N VAL B 93 17.91 11.07 -1.24
CA VAL B 93 18.28 11.99 -0.18
C VAL B 93 17.15 12.08 0.86
N ARG B 94 17.49 11.85 2.13
CA ARG B 94 16.51 11.93 3.23
C ARG B 94 17.02 12.89 4.28
N SER B 95 16.15 13.45 5.12
CA SER B 95 16.64 14.41 6.11
C SER B 95 17.27 13.61 7.24
N HIS B 96 18.20 14.22 7.95
CA HIS B 96 18.95 13.52 8.98
C HIS B 96 18.10 13.18 10.20
N ALA B 97 17.46 14.19 10.78
CA ALA B 97 16.74 14.02 12.05
C ALA B 97 15.40 13.31 11.97
N ALA B 98 14.52 13.75 11.06
CA ALA B 98 13.17 13.18 10.91
C ALA B 98 13.15 12.05 9.88
N ASP B 99 14.24 11.93 9.12
CA ASP B 99 14.34 10.90 8.12
C ASP B 99 13.22 11.00 7.10
N SER B 100 12.90 12.21 6.65
CA SER B 100 11.92 12.43 5.61
C SER B 100 12.57 12.13 4.25
N HIS B 101 11.87 11.45 3.36
CA HIS B 101 12.29 11.39 1.97
C HIS B 101 12.26 12.82 1.44
N LEU B 102 13.34 13.27 0.79
CA LEU B 102 13.36 14.62 0.24
C LEU B 102 13.35 14.59 -1.27
N GLY B 103 14.19 13.73 -1.83
CA GLY B 103 14.34 13.67 -3.29
C GLY B 103 15.52 12.77 -3.61
N HIS B 104 16.29 13.17 -4.59
CA HIS B 104 17.42 12.40 -5.05
C HIS B 104 18.52 13.36 -5.41
N VAL B 105 19.77 12.89 -5.41
CA VAL B 105 20.88 13.71 -5.87
C VAL B 105 21.52 13.00 -7.05
N PHE B 106 21.79 13.76 -8.10
CA PHE B 106 22.37 13.24 -9.33
C PHE B 106 23.68 13.93 -9.57
N PRO B 107 24.60 13.27 -10.30
CA PRO B 107 25.90 13.89 -10.54
C PRO B 107 25.92 14.72 -11.82
N ASP B 108 24.84 15.44 -12.07
CA ASP B 108 24.67 16.18 -13.31
C ASP B 108 24.39 17.66 -13.09
N GLY B 109 24.88 18.16 -11.96
CA GLY B 109 24.78 19.60 -11.66
C GLY B 109 25.93 20.35 -12.34
N PRO B 110 25.88 21.69 -12.37
CA PRO B 110 26.98 22.41 -13.02
C PRO B 110 28.26 22.15 -12.26
N ARG B 111 29.35 21.92 -12.99
CA ARG B 111 30.63 21.55 -12.33
C ARG B 111 31.15 22.70 -11.53
N ASP B 112 30.85 23.91 -12.00
CA ASP B 112 31.32 25.10 -11.33
C ASP B 112 30.62 25.33 -10.00
N LYS B 113 29.52 24.61 -9.73
CA LYS B 113 28.89 24.64 -8.42
C LYS B 113 29.04 23.29 -7.68
N GLY B 114 30.02 22.50 -8.06
CA GLY B 114 30.30 21.24 -7.37
C GLY B 114 29.76 19.97 -8.04
N GLY B 115 28.97 20.11 -9.12
CA GLY B 115 28.61 18.95 -9.93
C GLY B 115 27.41 18.10 -9.50
N LEU B 116 26.87 18.39 -8.31
CA LEU B 116 25.74 17.63 -7.82
C LEU B 116 24.46 18.44 -7.96
N ARG B 117 23.39 17.74 -8.30
CA ARG B 117 22.07 18.35 -8.41
C ARG B 117 21.10 17.60 -7.49
N TYR B 118 20.70 18.26 -6.40
CA TYR B 118 19.74 17.69 -5.45
C TYR B 118 18.36 18.06 -5.98
N CYS B 119 17.61 17.09 -6.49
CA CYS B 119 16.21 17.32 -6.94
C CYS B 119 15.33 17.00 -5.75
N ILE B 120 14.74 18.02 -5.16
CA ILE B 120 14.07 17.88 -3.87
C ILE B 120 12.60 18.29 -4.04
N ASN B 121 11.71 17.50 -3.47
CA ASN B 121 10.26 17.84 -3.44
C ASN B 121 9.97 19.06 -2.56
N GLY B 122 9.30 20.07 -3.13
CA GLY B 122 8.87 21.19 -2.34
C GLY B 122 8.02 20.72 -1.15
N ALA B 123 7.26 19.63 -1.34
CA ALA B 123 6.37 19.07 -0.31
C ALA B 123 7.17 18.69 0.95
N SER B 124 8.45 18.37 0.79
CA SER B 124 9.24 17.93 1.96
C SER B 124 9.77 19.12 2.77
N LEU B 125 9.55 20.34 2.28
CA LEU B 125 10.23 21.52 2.78
C LEU B 125 9.34 22.60 3.34
N LYS B 126 9.88 23.35 4.28
CA LYS B 126 9.30 24.64 4.65
C LYS B 126 10.31 25.79 4.50
N PHE B 127 9.90 26.85 3.80
CA PHE B 127 10.81 27.95 3.54
C PHE B 127 10.73 28.93 4.70
N ILE B 128 11.88 29.23 5.27
CA ILE B 128 11.99 30.29 6.28
C ILE B 128 12.71 31.46 5.65
N PRO B 129 11.99 32.56 5.34
CA PRO B 129 12.62 33.72 4.76
C PRO B 129 13.68 34.31 5.69
N LEU B 130 14.75 34.82 5.10
CA LEU B 130 15.83 35.49 5.82
C LEU B 130 15.34 36.34 7.02
N GLU B 131 14.35 37.19 6.75
CA GLU B 131 13.80 38.11 7.75
C GLU B 131 13.13 37.43 8.94
N GLN B 132 12.78 36.15 8.77
CA GLN B 132 12.11 35.41 9.83
C GLN B 132 13.03 34.43 10.53
N MSE B 133 14.27 34.30 10.07
CA MSE B 133 15.17 33.29 10.65
C MSE B 133 15.53 33.52 12.12
O MSE B 133 15.57 32.56 12.90
CB MSE B 133 16.43 33.16 9.80
CG MSE B 133 16.20 32.45 8.44
SE MSE B 133 17.78 32.48 7.27
CE MSE B 133 18.92 31.32 8.38
N ASP B 134 15.80 34.77 12.50
CA ASP B 134 16.12 35.07 13.91
C ASP B 134 15.00 34.65 14.85
N ALA B 135 13.79 35.13 14.59
CA ALA B 135 12.60 34.77 15.37
C ALA B 135 12.38 33.26 15.44
N ALA B 136 12.71 32.56 14.35
CA ALA B 136 12.43 31.14 14.23
C ALA B 136 13.56 30.26 14.80
N GLY B 137 14.62 30.89 15.29
CA GLY B 137 15.71 30.16 15.93
C GLY B 137 16.83 29.76 15.00
N TYR B 138 16.79 30.25 13.77
CA TYR B 138 17.83 29.95 12.79
C TYR B 138 18.84 31.07 12.58
N GLY B 139 18.94 31.99 13.55
CA GLY B 139 19.83 33.12 13.42
C GLY B 139 21.27 32.78 13.10
N ALA B 140 21.77 31.71 13.70
CA ALA B 140 23.14 31.27 13.47
C ALA B 140 23.46 30.86 12.03
N LEU B 141 22.42 30.64 11.22
CA LEU B 141 22.60 30.18 9.83
C LEU B 141 22.40 31.28 8.81
N LYS B 142 22.12 32.49 9.29
CA LYS B 142 21.95 33.61 8.39
C LYS B 142 23.12 33.83 7.45
N SER B 143 24.33 33.50 7.93
CA SER B 143 25.56 33.63 7.16
C SER B 143 25.64 32.64 5.99
N LYS B 144 24.85 31.57 6.05
CA LYS B 144 24.70 30.61 4.94
C LYS B 144 23.75 31.14 3.87
N VAL B 145 23.07 32.23 4.24
CA VAL B 145 22.31 33.20 3.42
C VAL B 145 20.86 32.87 3.04
N TYR C 2 9.22 -20.27 17.78
CA TYR C 2 9.09 -20.34 16.28
C TYR C 2 9.62 -19.07 15.62
N LYS C 3 10.44 -19.24 14.58
CA LYS C 3 10.91 -18.07 13.86
C LYS C 3 10.27 -17.99 12.47
N LYS C 4 9.46 -16.97 12.26
CA LYS C 4 8.81 -16.79 10.97
C LYS C 4 9.85 -16.34 9.94
N PRO C 5 9.77 -16.90 8.70
CA PRO C 5 10.71 -16.45 7.68
C PRO C 5 10.56 -14.95 7.45
N SER C 6 11.63 -14.33 6.99
CA SER C 6 11.65 -12.91 6.71
C SER C 6 10.63 -12.60 5.64
N ASP C 7 10.20 -11.35 5.61
CA ASP C 7 9.27 -10.92 4.61
C ASP C 7 9.82 -11.18 3.20
N ALA C 8 11.13 -10.98 3.03
CA ALA C 8 11.79 -11.24 1.76
C ALA C 8 11.65 -12.70 1.34
N GLU C 9 11.88 -13.62 2.30
CA GLU C 9 11.75 -15.04 2.05
C GLU C 9 10.31 -15.37 1.64
N LEU C 10 9.34 -14.83 2.39
CA LEU C 10 7.94 -15.12 2.13
C LEU C 10 7.50 -14.63 0.75
N LYS C 11 8.05 -13.51 0.29
CA LYS C 11 7.68 -12.99 -1.04
C LYS C 11 8.06 -13.93 -2.19
N ARG C 12 9.10 -14.75 -1.96
CA ARG C 12 9.67 -15.66 -2.94
C ARG C 12 9.16 -17.09 -2.76
N THR C 13 8.43 -17.33 -1.68
CA THR C 13 7.96 -18.68 -1.42
C THR C 13 6.46 -18.77 -1.44
N LEU C 14 5.77 -17.70 -1.03
CA LEU C 14 4.33 -17.71 -1.06
C LEU C 14 3.84 -17.21 -2.41
N THR C 15 2.68 -17.69 -2.86
CA THR C 15 2.04 -17.10 -4.04
C THR C 15 1.57 -15.71 -3.69
N GLU C 16 1.21 -14.95 -4.73
CA GLU C 16 0.75 -13.64 -4.50
C GLU C 16 -0.42 -13.65 -3.51
N GLU C 17 -1.40 -14.53 -3.70
CA GLU C 17 -2.61 -14.47 -2.83
C GLU C 17 -2.26 -14.99 -1.45
N GLN C 18 -1.42 -16.02 -1.37
CA GLN C 18 -1.00 -16.47 -0.01
C GLN C 18 -0.40 -15.32 0.78
N TYR C 19 0.47 -14.58 0.11
CA TYR C 19 1.16 -13.49 0.76
C TYR C 19 0.20 -12.36 1.16
N GLN C 20 -0.61 -11.93 0.19
CA GLN C 20 -1.48 -10.82 0.45
C GLN C 20 -2.43 -11.14 1.58
N VAL C 21 -2.99 -12.35 1.57
CA VAL C 21 -3.93 -12.79 2.62
C VAL C 21 -3.21 -12.84 3.97
N THR C 22 -2.12 -13.62 4.05
CA THR C 22 -1.57 -13.92 5.34
C THR C 22 -0.78 -12.76 5.94
N GLN C 23 -0.14 -11.98 5.07
CA GLN C 23 0.79 -10.93 5.51
C GLN C 23 0.17 -9.55 5.47
N ASN C 24 -0.75 -9.34 4.54
CA ASN C 24 -1.44 -8.04 4.38
C ASN C 24 -2.94 -8.06 4.67
N SER C 25 -3.44 -9.17 5.24
CA SER C 25 -4.82 -9.31 5.71
C SER C 25 -5.85 -9.05 4.60
N ALA C 26 -5.45 -9.36 3.37
CA ALA C 26 -6.35 -9.38 2.24
C ALA C 26 -7.38 -10.49 2.38
N THR C 27 -8.46 -10.37 1.60
CA THR C 27 -9.50 -11.36 1.56
C THR C 27 -9.56 -11.80 0.10
N GLU C 28 -9.53 -13.12 -0.14
CA GLU C 28 -9.50 -13.68 -1.49
C GLU C 28 -10.91 -13.50 -2.00
N TYR C 29 -11.08 -13.48 -3.32
CA TYR C 29 -12.43 -13.31 -3.84
C TYR C 29 -13.32 -14.49 -3.50
N ALA C 30 -14.61 -14.23 -3.34
CA ALA C 30 -15.60 -15.28 -3.15
C ALA C 30 -15.41 -16.37 -4.20
N PHE C 31 -15.38 -17.63 -3.72
CA PHE C 31 -15.36 -18.84 -4.59
C PHE C 31 -14.10 -19.02 -5.42
N SER C 32 -13.04 -18.29 -5.08
CA SER C 32 -11.81 -18.34 -5.85
C SER C 32 -10.90 -19.51 -5.50
N HIS C 33 -11.08 -20.12 -4.34
CA HIS C 33 -10.03 -21.05 -3.86
C HIS C 33 -10.43 -22.52 -3.96
N GLU C 34 -9.49 -23.38 -4.33
CA GLU C 34 -9.74 -24.81 -4.47
C GLU C 34 -10.26 -25.43 -3.16
N TYR C 35 -9.94 -24.83 -2.01
CA TYR C 35 -10.45 -25.38 -0.74
C TYR C 35 -11.89 -25.08 -0.42
N ASP C 36 -12.55 -24.24 -1.22
CA ASP C 36 -13.92 -23.87 -0.95
C ASP C 36 -14.85 -25.04 -0.72
N HIS C 37 -14.90 -25.98 -1.67
CA HIS C 37 -15.79 -27.12 -1.54
C HIS C 37 -15.03 -28.38 -1.27
N LEU C 38 -13.81 -28.27 -0.77
CA LEU C 38 -13.01 -29.46 -0.49
C LEU C 38 -13.53 -30.19 0.74
N PHE C 39 -13.71 -31.50 0.60
CA PHE C 39 -14.21 -32.35 1.67
C PHE C 39 -13.40 -33.62 1.85
N LYS C 40 -12.17 -33.63 1.36
CA LYS C 40 -11.32 -34.80 1.56
C LYS C 40 -10.85 -34.78 3.01
N PRO C 41 -10.67 -35.98 3.61
CA PRO C 41 -10.14 -35.94 4.96
C PRO C 41 -8.68 -35.52 5.05
N GLY C 42 -8.37 -34.73 6.07
CA GLY C 42 -7.04 -34.22 6.27
C GLY C 42 -7.08 -33.03 7.20
N ILE C 43 -5.97 -32.33 7.30
CA ILE C 43 -5.92 -31.12 8.10
C ILE C 43 -5.54 -29.95 7.20
N TYR C 44 -5.83 -28.76 7.68
CA TYR C 44 -5.39 -27.54 7.04
C TYR C 44 -4.41 -26.87 7.98
N VAL C 45 -3.21 -26.66 7.49
CA VAL C 45 -2.16 -26.04 8.26
C VAL C 45 -1.92 -24.60 7.77
N ASP C 46 -1.29 -23.82 8.62
CA ASP C 46 -0.81 -22.50 8.24
C ASP C 46 0.14 -22.65 7.05
N VAL C 47 -0.19 -21.97 5.97
CA VAL C 47 0.64 -22.04 4.80
C VAL C 47 2.03 -21.50 5.03
N VAL C 48 2.19 -20.64 6.03
CA VAL C 48 3.52 -20.09 6.31
C VAL C 48 4.34 -21.04 7.17
N SER C 49 3.72 -21.61 8.18
CA SER C 49 4.51 -22.30 9.20
C SER C 49 4.25 -23.81 9.22
N GLY C 50 3.15 -24.23 8.61
CA GLY C 50 2.66 -25.60 8.76
C GLY C 50 2.03 -25.95 10.11
N GLU C 51 1.76 -24.94 10.96
CA GLU C 51 1.01 -25.14 12.17
C GLU C 51 -0.41 -25.65 11.86
N PRO C 52 -0.84 -26.78 12.46
CA PRO C 52 -2.22 -27.20 12.21
C PRO C 52 -3.21 -26.17 12.71
N LEU C 53 -4.21 -25.88 11.90
CA LEU C 53 -5.24 -24.89 12.22
C LEU C 53 -6.68 -25.46 12.25
N PHE C 54 -7.03 -26.28 11.26
CA PHE C 54 -8.38 -26.80 11.12
C PHE C 54 -8.33 -28.23 10.67
N SER C 55 -9.30 -29.01 11.11
CA SER C 55 -9.49 -30.40 10.65
C SER C 55 -10.63 -30.39 9.64
N SER C 56 -10.51 -31.26 8.62
CA SER C 56 -11.62 -31.54 7.70
C SER C 56 -12.89 -31.91 8.45
N ALA C 57 -12.73 -32.47 9.64
CA ALA C 57 -13.86 -32.91 10.43
C ALA C 57 -14.78 -31.75 10.78
N ASP C 58 -14.22 -30.55 10.87
CA ASP C 58 -14.98 -29.40 11.33
C ASP C 58 -15.33 -28.46 10.20
N LYS C 59 -15.09 -28.91 8.97
CA LYS C 59 -15.36 -28.09 7.79
C LYS C 59 -16.78 -28.33 7.35
N TYR C 60 -17.44 -27.33 6.78
CA TYR C 60 -18.78 -27.61 6.23
C TYR C 60 -18.97 -26.63 5.10
N ASP C 61 -19.99 -26.88 4.29
CA ASP C 61 -20.23 -26.08 3.08
C ASP C 61 -21.71 -25.72 3.05
N SER C 62 -21.98 -24.44 3.23
CA SER C 62 -23.34 -23.89 3.06
C SER C 62 -23.39 -22.96 1.85
N GLY C 63 -22.40 -23.08 0.96
CA GLY C 63 -22.36 -22.25 -0.22
C GLY C 63 -21.73 -20.88 0.01
N CYS C 64 -21.02 -20.74 1.12
N CYS C 64 -21.03 -20.71 1.13
CA CYS C 64 -20.21 -19.56 1.37
CA CYS C 64 -20.23 -19.51 1.38
C CYS C 64 -19.02 -19.51 0.40
C CYS C 64 -19.02 -19.50 0.42
N GLY C 65 -18.55 -18.31 0.07
CA GLY C 65 -17.45 -18.16 -0.89
C GLY C 65 -16.07 -18.53 -0.37
N TRP C 66 -16.02 -18.99 0.88
CA TRP C 66 -14.75 -19.24 1.57
C TRP C 66 -14.84 -20.52 2.39
N PRO C 67 -13.71 -21.24 2.55
CA PRO C 67 -13.73 -22.35 3.51
C PRO C 67 -14.44 -21.97 4.80
N SER C 68 -15.22 -22.89 5.36
CA SER C 68 -15.97 -22.62 6.59
C SER C 68 -15.76 -23.76 7.58
N PHE C 69 -15.41 -23.42 8.81
CA PHE C 69 -15.19 -24.45 9.84
C PHE C 69 -15.94 -24.01 11.07
N THR C 70 -16.27 -24.95 11.94
CA THR C 70 -17.04 -24.62 13.14
C THR C 70 -16.10 -24.36 14.31
N ARG C 71 -14.86 -24.84 14.19
CA ARG C 71 -13.91 -24.62 15.24
C ARG C 71 -12.52 -24.86 14.72
N PRO C 72 -11.52 -24.29 15.41
CA PRO C 72 -10.17 -24.67 15.08
C PRO C 72 -9.81 -26.05 15.63
N ILE C 73 -8.69 -26.57 15.16
CA ILE C 73 -8.30 -27.96 15.50
C ILE C 73 -7.89 -28.07 16.96
N ASP C 74 -7.45 -26.94 17.50
N ASP C 74 -7.42 -26.97 17.52
CA ASP C 74 -7.09 -26.79 18.89
CA ASP C 74 -7.24 -26.86 18.96
C ASP C 74 -7.48 -25.36 19.27
C ASP C 74 -7.26 -25.39 19.33
N ALA C 75 -7.72 -25.14 20.56
CA ALA C 75 -8.04 -23.79 21.06
C ALA C 75 -6.88 -22.84 20.89
N LYS C 76 -5.65 -23.34 21.05
CA LYS C 76 -4.47 -22.53 20.99
C LYS C 76 -3.85 -22.30 19.60
N SER C 77 -4.36 -22.93 18.56
CA SER C 77 -3.71 -22.76 17.25
C SER C 77 -4.12 -21.47 16.53
N VAL C 78 -5.26 -20.92 16.92
CA VAL C 78 -5.72 -19.62 16.37
C VAL C 78 -5.94 -18.56 17.44
N THR C 79 -5.68 -17.30 17.10
CA THR C 79 -5.85 -16.21 18.07
C THR C 79 -6.89 -15.26 17.53
N GLU C 80 -7.69 -14.65 18.40
CA GLU C 80 -8.72 -13.70 17.93
C GLU C 80 -8.25 -12.27 18.15
N HIS C 81 -8.66 -11.37 17.26
CA HIS C 81 -8.24 -10.00 17.31
C HIS C 81 -9.38 -9.14 16.88
N ASP C 82 -9.61 -8.06 17.63
CA ASP C 82 -10.66 -7.14 17.24
C ASP C 82 -10.24 -6.46 15.96
N ASP C 83 -11.18 -6.36 15.06
CA ASP C 83 -10.96 -5.76 13.79
C ASP C 83 -11.98 -4.64 13.76
N PHE C 84 -11.51 -3.41 13.86
CA PHE C 84 -12.42 -2.26 13.90
C PHE C 84 -12.63 -1.63 12.52
N SER C 85 -12.36 -2.37 11.45
CA SER C 85 -12.61 -1.84 10.11
C SER C 85 -14.07 -1.48 9.94
N TYR C 86 -14.33 -0.46 9.13
CA TYR C 86 -15.69 -0.14 8.74
C TYR C 86 -16.60 0.32 9.86
N ASN C 87 -16.00 0.91 10.89
CA ASN C 87 -16.73 1.50 12.01
C ASN C 87 -17.61 0.49 12.69
N MSE C 88 -17.09 -0.73 12.79
CA MSE C 88 -17.79 -1.78 13.52
C MSE C 88 -16.71 -2.61 14.20
O MSE C 88 -15.55 -2.31 14.06
CB MSE C 88 -18.59 -2.64 12.55
CG MSE C 88 -17.77 -3.34 11.50
SE MSE C 88 -18.94 -4.21 10.15
CE MSE C 88 -19.80 -5.43 11.36
N ARG C 89 -17.08 -3.65 14.92
CA ARG C 89 -16.08 -4.53 15.48
C ARG C 89 -16.35 -5.95 14.97
N ARG C 90 -15.37 -6.55 14.31
CA ARG C 90 -15.48 -7.96 13.95
C ARG C 90 -14.34 -8.72 14.62
N THR C 91 -14.39 -10.03 14.59
CA THR C 91 -13.36 -10.84 15.24
C THR C 91 -12.47 -11.50 14.15
N GLU C 92 -11.26 -11.00 13.98
CA GLU C 92 -10.32 -11.52 13.00
C GLU C 92 -9.71 -12.74 13.66
N VAL C 93 -9.38 -13.74 12.84
CA VAL C 93 -8.65 -14.89 13.35
C VAL C 93 -7.29 -14.97 12.67
N ARG C 94 -6.28 -15.26 13.48
N ARG C 94 -6.28 -15.27 13.47
CA ARG C 94 -4.90 -15.31 13.05
CA ARG C 94 -4.89 -15.33 13.00
C ARG C 94 -4.31 -16.62 13.56
C ARG C 94 -4.22 -16.55 13.62
N SER C 95 -3.24 -17.10 12.92
CA SER C 95 -2.59 -18.32 13.42
C SER C 95 -1.70 -17.99 14.59
N HIS C 96 -1.59 -18.95 15.50
CA HIS C 96 -0.83 -18.66 16.69
C HIS C 96 0.64 -18.41 16.43
N ALA C 97 1.31 -19.33 15.76
CA ALA C 97 2.78 -19.29 15.72
C ALA C 97 3.29 -18.24 14.73
N ALA C 98 2.72 -18.22 13.53
CA ALA C 98 3.24 -17.37 12.46
C ALA C 98 2.44 -16.10 12.31
N ASP C 99 1.38 -16.00 13.10
CA ASP C 99 0.56 -14.79 13.12
C ASP C 99 0.09 -14.44 11.72
N SER C 100 -0.25 -15.47 10.96
CA SER C 100 -0.87 -15.27 9.65
C SER C 100 -2.29 -14.73 9.83
N HIS C 101 -2.70 -13.76 9.02
CA HIS C 101 -4.12 -13.50 8.89
C HIS C 101 -4.80 -14.69 8.23
N LEU C 102 -5.88 -15.18 8.83
CA LEU C 102 -6.59 -16.35 8.29
C LEU C 102 -7.95 -15.97 7.75
N GLY C 103 -8.67 -15.17 8.51
CA GLY C 103 -10.00 -14.70 8.12
C GLY C 103 -10.67 -14.12 9.34
N HIS C 104 -11.94 -14.40 9.51
CA HIS C 104 -12.69 -13.93 10.64
C HIS C 104 -13.57 -15.04 11.19
N VAL C 105 -14.02 -14.87 12.43
CA VAL C 105 -14.99 -15.80 13.00
C VAL C 105 -16.28 -15.06 13.27
N PHE C 106 -17.39 -15.65 12.84
CA PHE C 106 -18.72 -15.07 12.97
C PHE C 106 -19.61 -15.93 13.83
N PRO C 107 -20.64 -15.33 14.46
CA PRO C 107 -21.55 -16.04 15.35
C PRO C 107 -22.79 -16.60 14.64
N ASP C 108 -22.65 -16.97 13.36
CA ASP C 108 -23.78 -17.39 12.55
C ASP C 108 -23.53 -18.80 12.00
N GLY C 109 -22.69 -19.57 12.66
CA GLY C 109 -22.46 -20.93 12.19
C GLY C 109 -23.44 -21.90 12.77
N PRO C 110 -23.31 -23.18 12.41
CA PRO C 110 -24.15 -24.28 12.85
C PRO C 110 -24.37 -24.26 14.37
N ARG C 111 -25.61 -24.07 14.77
CA ARG C 111 -25.97 -23.99 16.17
C ARG C 111 -25.50 -25.24 16.92
N ASP C 112 -25.65 -26.41 16.30
CA ASP C 112 -25.32 -27.64 17.00
C ASP C 112 -23.82 -27.90 17.17
N LYS C 113 -22.97 -27.04 16.59
CA LYS C 113 -21.53 -27.22 16.69
C LYS C 113 -20.90 -26.06 17.48
N GLY C 114 -21.72 -25.31 18.20
CA GLY C 114 -21.25 -24.18 18.99
C GLY C 114 -21.64 -22.80 18.50
N GLY C 115 -22.16 -22.70 17.29
CA GLY C 115 -22.64 -21.42 16.79
C GLY C 115 -21.63 -20.61 16.00
N LEU C 116 -20.37 -21.03 15.95
CA LEU C 116 -19.36 -20.23 15.30
C LEU C 116 -19.11 -20.68 13.87
N ARG C 117 -18.72 -19.71 13.06
CA ARG C 117 -18.34 -19.99 11.68
C ARG C 117 -17.01 -19.30 11.48
N TYR C 118 -15.95 -20.10 11.42
CA TYR C 118 -14.64 -19.63 11.00
C TYR C 118 -14.63 -19.50 9.50
N CYS C 119 -14.64 -18.26 9.04
CA CYS C 119 -14.69 -17.96 7.60
C CYS C 119 -13.25 -17.67 7.17
N ILE C 120 -12.63 -18.65 6.51
CA ILE C 120 -11.18 -18.67 6.38
C ILE C 120 -10.79 -18.62 4.95
N ASN C 121 -9.84 -17.77 4.61
CA ASN C 121 -9.25 -17.75 3.28
C ASN C 121 -8.54 -19.06 2.98
N GLY C 122 -8.95 -19.73 1.91
CA GLY C 122 -8.21 -20.91 1.48
C GLY C 122 -6.75 -20.56 1.23
N ALA C 123 -6.49 -19.35 0.74
CA ALA C 123 -5.09 -18.94 0.52
C ALA C 123 -4.24 -18.93 1.80
N SER C 124 -4.86 -18.99 2.97
CA SER C 124 -4.08 -18.96 4.20
C SER C 124 -3.63 -20.38 4.66
N LEU C 125 -4.10 -21.39 3.95
CA LEU C 125 -4.07 -22.76 4.43
C LEU C 125 -3.31 -23.61 3.42
N LYS C 126 -2.70 -24.68 3.92
CA LYS C 126 -2.25 -25.80 3.08
C LYS C 126 -2.98 -27.07 3.54
N PHE C 127 -3.57 -27.82 2.62
CA PHE C 127 -4.30 -29.03 2.99
C PHE C 127 -3.34 -30.21 2.98
N ILE C 128 -3.33 -30.95 4.09
CA ILE C 128 -2.54 -32.15 4.20
C ILE C 128 -3.50 -33.31 4.22
N PRO C 129 -3.55 -34.12 3.13
CA PRO C 129 -4.47 -35.24 3.07
C PRO C 129 -4.14 -36.22 4.18
N LEU C 130 -5.17 -36.80 4.78
CA LEU C 130 -5.03 -37.85 5.81
C LEU C 130 -3.86 -38.82 5.54
N GLU C 131 -3.82 -39.34 4.32
CA GLU C 131 -2.81 -40.35 3.94
C GLU C 131 -1.35 -39.88 4.03
N GLN C 132 -1.12 -38.56 3.94
CA GLN C 132 0.21 -37.98 4.04
C GLN C 132 0.56 -37.46 5.44
N MSE C 133 -0.38 -37.51 6.36
CA MSE C 133 -0.16 -36.90 7.65
C MSE C 133 0.99 -37.55 8.42
O MSE C 133 1.80 -36.86 9.06
CB MSE C 133 -1.45 -36.91 8.46
CG MSE C 133 -2.44 -35.86 7.92
SE MSE C 133 -4.09 -35.79 8.87
CE MSE C 133 -3.46 -35.16 10.63
N ASP C 134 1.09 -38.88 8.33
CA ASP C 134 2.15 -39.61 9.05
C ASP C 134 3.54 -39.16 8.60
N ALA C 135 3.77 -39.19 7.27
CA ALA C 135 5.04 -38.79 6.70
C ALA C 135 5.35 -37.31 6.95
N ALA C 136 4.29 -36.49 6.97
CA ALA C 136 4.43 -35.06 7.18
C ALA C 136 4.67 -34.64 8.63
N GLY C 137 4.55 -35.56 9.58
CA GLY C 137 4.82 -35.26 10.98
C GLY C 137 3.58 -34.96 11.81
N TYR C 138 2.40 -35.16 11.21
CA TYR C 138 1.10 -34.90 11.82
C TYR C 138 0.34 -36.16 12.24
N GLY C 139 1.05 -37.28 12.40
CA GLY C 139 0.41 -38.53 12.79
C GLY C 139 -0.43 -38.40 14.04
N ALA C 140 0.05 -37.65 15.02
CA ALA C 140 -0.63 -37.51 16.30
C ALA C 140 -1.99 -36.85 16.17
N LEU C 141 -2.19 -36.17 15.04
CA LEU C 141 -3.43 -35.46 14.79
C LEU C 141 -4.44 -36.18 13.92
N LYS C 142 -4.10 -37.36 13.41
CA LYS C 142 -5.04 -38.10 12.54
C LYS C 142 -6.37 -38.40 13.21
N SER C 143 -6.33 -38.62 14.52
CA SER C 143 -7.51 -38.85 15.34
C SER C 143 -8.44 -37.65 15.40
N LYS C 144 -7.96 -36.48 15.01
CA LYS C 144 -8.83 -35.31 14.91
C LYS C 144 -9.53 -35.24 13.56
N VAL C 145 -9.20 -36.19 12.70
CA VAL C 145 -9.77 -36.26 11.36
C VAL C 145 -10.84 -37.34 11.29
N TYR D 2 1.33 -17.62 -27.56
CA TYR D 2 1.62 -17.38 -26.11
C TYR D 2 0.53 -16.64 -25.35
N LYS D 3 0.58 -16.81 -24.04
CA LYS D 3 -0.59 -16.93 -23.22
C LYS D 3 -0.54 -16.04 -21.97
N LYS D 4 -1.59 -15.24 -21.79
CA LYS D 4 -1.77 -14.40 -20.59
C LYS D 4 -2.87 -15.00 -19.70
N PRO D 5 -2.47 -15.73 -18.66
CA PRO D 5 -3.45 -16.21 -17.70
C PRO D 5 -4.28 -15.08 -17.10
N SER D 6 -5.47 -15.41 -16.60
CA SER D 6 -6.30 -14.49 -15.83
C SER D 6 -5.53 -13.99 -14.62
N ASP D 7 -5.93 -12.82 -14.12
CA ASP D 7 -5.37 -12.31 -12.88
C ASP D 7 -5.55 -13.35 -11.76
N ALA D 8 -6.72 -13.96 -11.70
CA ALA D 8 -6.94 -15.00 -10.69
C ALA D 8 -5.94 -16.13 -10.81
N GLU D 9 -5.67 -16.59 -12.03
CA GLU D 9 -4.70 -17.66 -12.18
C GLU D 9 -3.30 -17.21 -11.76
N LEU D 10 -2.93 -15.98 -12.12
CA LEU D 10 -1.61 -15.46 -11.75
C LEU D 10 -1.44 -15.32 -10.23
N LYS D 11 -2.49 -14.84 -9.56
CA LYS D 11 -2.47 -14.69 -8.10
C LYS D 11 -2.19 -16.01 -7.43
N ARG D 12 -2.69 -17.09 -8.02
CA ARG D 12 -2.53 -18.41 -7.42
C ARG D 12 -1.30 -19.20 -7.91
N THR D 13 -0.61 -18.71 -8.93
CA THR D 13 0.56 -19.44 -9.48
C THR D 13 1.90 -18.73 -9.27
N LEU D 14 1.92 -17.42 -9.50
CA LEU D 14 3.13 -16.64 -9.31
C LEU D 14 3.40 -16.38 -7.84
N THR D 15 4.68 -16.43 -7.47
CA THR D 15 5.03 -15.92 -6.15
C THR D 15 4.67 -14.44 -6.01
N GLU D 16 4.57 -13.96 -4.77
CA GLU D 16 4.31 -12.56 -4.54
C GLU D 16 5.38 -11.72 -5.29
N GLU D 17 6.64 -12.09 -5.14
CA GLU D 17 7.70 -11.44 -5.92
C GLU D 17 7.46 -11.44 -7.44
N GLN D 18 7.15 -12.60 -8.01
CA GLN D 18 6.97 -12.71 -9.46
C GLN D 18 5.79 -11.91 -9.90
N TYR D 19 4.77 -11.95 -9.05
CA TYR D 19 3.55 -11.19 -9.32
C TYR D 19 3.82 -9.67 -9.31
N GLN D 20 4.44 -9.18 -8.23
CA GLN D 20 4.64 -7.73 -8.06
C GLN D 20 5.52 -7.23 -9.18
N VAL D 21 6.54 -8.00 -9.54
CA VAL D 21 7.45 -7.59 -10.60
C VAL D 21 6.71 -7.56 -11.93
N THR D 22 6.12 -8.68 -12.32
CA THR D 22 5.56 -8.83 -13.67
C THR D 22 4.28 -8.09 -13.86
N GLN D 23 3.44 -8.04 -12.83
CA GLN D 23 2.12 -7.42 -12.94
C GLN D 23 2.07 -5.98 -12.48
N ASN D 24 2.87 -5.66 -11.48
CA ASN D 24 2.86 -4.33 -10.87
C ASN D 24 4.12 -3.53 -11.08
N SER D 25 5.01 -4.03 -11.95
CA SER D 25 6.23 -3.32 -12.38
C SER D 25 7.14 -3.01 -11.20
N ALA D 26 7.12 -3.88 -10.19
CA ALA D 26 8.06 -3.78 -9.10
C ALA D 26 9.44 -4.16 -9.62
N THR D 27 10.45 -3.78 -8.87
CA THR D 27 11.83 -4.06 -9.23
C THR D 27 12.35 -4.90 -8.09
N GLU D 28 12.97 -6.03 -8.39
CA GLU D 28 13.58 -6.87 -7.34
C GLU D 28 14.84 -6.18 -6.81
N TYR D 29 15.25 -6.54 -5.60
CA TYR D 29 16.43 -5.89 -5.01
C TYR D 29 17.66 -6.20 -5.85
N ALA D 30 18.54 -5.21 -6.01
CA ALA D 30 19.73 -5.40 -6.84
C ALA D 30 20.57 -6.52 -6.23
N PHE D 31 21.12 -7.36 -7.12
CA PHE D 31 22.00 -8.49 -6.77
C PHE D 31 21.25 -9.62 -6.08
N SER D 32 19.94 -9.51 -5.96
CA SER D 32 19.20 -10.48 -5.16
C SER D 32 18.86 -11.77 -5.90
N HIS D 33 18.74 -11.72 -7.22
CA HIS D 33 18.26 -12.92 -7.91
C HIS D 33 19.42 -13.81 -8.38
N GLU D 34 19.18 -15.12 -8.38
CA GLU D 34 20.17 -16.10 -8.84
C GLU D 34 20.61 -15.82 -10.27
N TYR D 35 19.70 -15.32 -11.09
CA TYR D 35 20.01 -15.15 -12.50
C TYR D 35 20.95 -14.00 -12.77
N ASP D 36 21.09 -13.10 -11.81
CA ASP D 36 22.04 -12.02 -11.92
C ASP D 36 23.45 -12.56 -12.23
N HIS D 37 23.87 -13.59 -11.51
CA HIS D 37 25.21 -14.17 -11.68
C HIS D 37 25.22 -15.52 -12.46
N LEU D 38 24.11 -15.87 -13.10
CA LEU D 38 24.02 -17.07 -13.91
C LEU D 38 24.48 -16.82 -15.34
N PHE D 39 25.47 -17.60 -15.79
CA PHE D 39 25.95 -17.52 -17.17
C PHE D 39 26.17 -18.93 -17.66
N LYS D 40 25.07 -19.62 -17.95
CA LYS D 40 25.08 -20.98 -18.46
C LYS D 40 24.30 -20.93 -19.76
N PRO D 41 24.66 -21.81 -20.73
CA PRO D 41 23.90 -21.80 -21.98
C PRO D 41 22.45 -22.21 -21.74
N GLY D 42 21.54 -21.49 -22.38
CA GLY D 42 20.11 -21.74 -22.26
C GLY D 42 19.38 -20.47 -22.63
N ILE D 43 18.06 -20.51 -22.54
CA ILE D 43 17.27 -19.31 -22.80
C ILE D 43 16.50 -18.87 -21.55
N TYR D 44 16.12 -17.58 -21.53
CA TYR D 44 15.26 -17.04 -20.51
C TYR D 44 13.91 -16.73 -21.12
N VAL D 45 12.88 -17.36 -20.54
CA VAL D 45 11.52 -17.20 -21.02
C VAL D 45 10.69 -16.39 -20.02
N ASP D 46 9.60 -15.79 -20.48
CA ASP D 46 8.70 -15.07 -19.61
C ASP D 46 8.17 -16.04 -18.58
N VAL D 47 8.27 -15.67 -17.31
CA VAL D 47 7.77 -16.54 -16.24
C VAL D 47 6.26 -16.74 -16.33
N VAL D 48 5.56 -15.80 -16.93
CA VAL D 48 4.11 -15.89 -17.01
C VAL D 48 3.68 -16.83 -18.14
N SER D 49 4.26 -16.65 -19.32
CA SER D 49 3.77 -17.30 -20.53
C SER D 49 4.69 -18.37 -21.11
N GLY D 50 5.96 -18.36 -20.72
CA GLY D 50 6.98 -19.22 -21.33
C GLY D 50 7.48 -18.68 -22.68
N GLU D 51 7.03 -17.50 -23.06
CA GLU D 51 7.52 -16.85 -24.28
C GLU D 51 9.01 -16.59 -24.18
N PRO D 52 9.80 -17.14 -25.14
CA PRO D 52 11.25 -16.91 -25.11
C PRO D 52 11.54 -15.40 -25.14
N LEU D 53 12.46 -14.95 -24.29
CA LEU D 53 12.75 -13.51 -24.18
C LEU D 53 14.22 -13.14 -24.43
N PHE D 54 15.15 -13.88 -23.83
CA PHE D 54 16.58 -13.58 -23.94
C PHE D 54 17.37 -14.85 -24.07
N SER D 55 18.45 -14.80 -24.85
CA SER D 55 19.40 -15.91 -24.93
C SER D 55 20.58 -15.68 -24.00
N SER D 56 21.10 -16.77 -23.42
CA SER D 56 22.31 -16.68 -22.64
C SER D 56 23.48 -16.14 -23.48
N ALA D 57 23.35 -16.30 -24.80
CA ALA D 57 24.35 -15.82 -25.75
C ALA D 57 24.52 -14.31 -25.67
N ASP D 58 23.42 -13.62 -25.37
CA ASP D 58 23.41 -12.17 -25.25
C ASP D 58 23.53 -11.66 -23.82
N LYS D 59 23.78 -12.56 -22.87
CA LYS D 59 23.85 -12.21 -21.46
C LYS D 59 25.28 -11.82 -21.11
N TYR D 60 25.44 -10.78 -20.29
CA TYR D 60 26.75 -10.36 -19.85
C TYR D 60 26.71 -9.76 -18.45
N ASP D 61 27.87 -9.76 -17.79
CA ASP D 61 27.98 -9.16 -16.48
C ASP D 61 28.10 -7.64 -16.56
N SER D 62 27.02 -6.92 -16.30
CA SER D 62 27.08 -5.48 -16.36
C SER D 62 27.44 -4.84 -15.02
N GLY D 63 27.51 -5.65 -13.96
CA GLY D 63 27.73 -5.16 -12.61
C GLY D 63 26.59 -4.39 -11.95
N CYS D 64 25.45 -4.24 -12.63
N CYS D 64 25.46 -4.25 -12.65
CA CYS D 64 24.36 -3.41 -12.13
CA CYS D 64 24.35 -3.41 -12.17
C CYS D 64 23.50 -4.07 -11.04
C CYS D 64 23.45 -4.07 -11.10
N GLY D 65 23.49 -5.40 -11.01
CA GLY D 65 22.70 -6.12 -10.01
C GLY D 65 21.46 -6.85 -10.52
N TRP D 66 21.23 -6.79 -11.83
CA TRP D 66 20.18 -7.56 -12.46
C TRP D 66 20.71 -8.21 -13.71
N PRO D 67 20.10 -9.35 -14.09
CA PRO D 67 20.42 -10.00 -15.37
C PRO D 67 20.45 -8.97 -16.48
N SER D 68 21.52 -9.01 -17.28
CA SER D 68 21.76 -7.96 -18.28
C SER D 68 22.03 -8.63 -19.60
N PHE D 69 21.37 -8.13 -20.64
CA PHE D 69 21.42 -8.71 -21.98
C PHE D 69 21.62 -7.60 -23.00
N THR D 70 22.27 -7.94 -24.11
CA THR D 70 22.54 -6.93 -25.13
C THR D 70 21.33 -6.74 -26.07
N ARG D 71 20.45 -7.75 -26.10
CA ARG D 71 19.26 -7.77 -27.00
C ARG D 71 18.23 -8.79 -26.55
N PRO D 72 16.94 -8.58 -26.90
CA PRO D 72 15.96 -9.67 -26.76
C PRO D 72 16.24 -10.73 -27.83
N ILE D 73 15.83 -11.97 -27.55
CA ILE D 73 16.11 -13.11 -28.41
C ILE D 73 15.46 -12.95 -29.79
N ASP D 74 14.46 -12.09 -29.85
CA ASP D 74 13.65 -11.85 -31.04
C ASP D 74 13.12 -10.43 -30.95
N ALA D 75 13.06 -9.72 -32.07
CA ALA D 75 12.51 -8.35 -32.10
C ALA D 75 11.10 -8.26 -31.51
N LYS D 76 10.27 -9.24 -31.81
CA LYS D 76 8.86 -9.15 -31.48
C LYS D 76 8.53 -9.59 -30.04
N SER D 77 9.48 -10.22 -29.37
CA SER D 77 9.23 -10.77 -28.05
C SER D 77 9.15 -9.74 -26.90
N VAL D 78 9.63 -8.50 -27.13
CA VAL D 78 9.50 -7.45 -26.11
C VAL D 78 8.93 -6.15 -26.70
N THR D 79 8.33 -5.34 -25.83
CA THR D 79 7.78 -4.03 -26.19
C THR D 79 8.38 -3.05 -25.20
N GLU D 80 8.49 -1.79 -25.61
CA GLU D 80 9.22 -0.79 -24.84
C GLU D 80 8.37 0.43 -24.63
N HIS D 81 8.47 1.03 -23.44
CA HIS D 81 7.59 2.10 -23.03
C HIS D 81 8.37 3.09 -22.20
N ASP D 82 8.27 4.37 -22.56
CA ASP D 82 9.00 5.41 -21.83
C ASP D 82 8.31 5.85 -20.56
N ASP D 83 9.11 6.09 -19.53
CA ASP D 83 8.59 6.67 -18.30
C ASP D 83 9.62 7.66 -17.80
N PHE D 84 9.28 8.40 -16.76
CA PHE D 84 10.09 9.52 -16.33
C PHE D 84 10.08 9.68 -14.83
N SER D 85 11.24 10.06 -14.30
CA SER D 85 11.30 10.51 -12.94
C SER D 85 12.17 11.74 -12.91
N TYR D 86 11.65 12.80 -12.29
CA TYR D 86 12.31 14.10 -12.35
C TYR D 86 12.50 14.55 -13.81
N ASN D 87 11.59 14.11 -14.69
CA ASN D 87 11.68 14.41 -16.11
C ASN D 87 12.88 13.77 -16.78
N MSE D 88 13.49 12.80 -16.11
CA MSE D 88 14.50 11.96 -16.70
C MSE D 88 13.94 10.65 -17.25
O MSE D 88 13.22 9.91 -16.58
CB MSE D 88 15.65 11.71 -15.73
CG MSE D 88 16.42 13.01 -15.47
SE MSE D 88 17.78 12.61 -14.15
CE MSE D 88 16.64 12.77 -12.63
N ARG D 89 14.30 10.40 -18.51
CA ARG D 89 13.80 9.34 -19.32
C ARG D 89 14.34 7.98 -18.90
N ARG D 90 13.44 7.03 -18.78
CA ARG D 90 13.85 5.62 -18.76
C ARG D 90 12.94 4.88 -19.70
N THR D 91 13.32 3.67 -20.04
CA THR D 91 12.56 2.91 -21.02
C THR D 91 12.25 1.55 -20.42
N GLU D 92 10.99 1.39 -20.07
CA GLU D 92 10.48 0.12 -19.56
C GLU D 92 10.42 -0.95 -20.65
N VAL D 93 10.85 -2.14 -20.29
CA VAL D 93 10.72 -3.30 -21.19
C VAL D 93 9.68 -4.32 -20.66
N ARG D 94 8.74 -4.70 -21.53
CA ARG D 94 7.68 -5.66 -21.19
C ARG D 94 7.63 -6.77 -22.25
N SER D 95 7.20 -7.99 -21.88
CA SER D 95 7.14 -9.10 -22.85
C SER D 95 5.97 -8.89 -23.81
N HIS D 96 6.08 -9.41 -25.03
CA HIS D 96 5.02 -9.14 -26.02
C HIS D 96 3.70 -9.87 -25.73
N ALA D 97 3.76 -11.19 -25.58
CA ALA D 97 2.55 -12.02 -25.51
C ALA D 97 1.77 -11.75 -24.22
N ALA D 98 2.46 -11.87 -23.07
CA ALA D 98 1.78 -11.77 -21.76
C ALA D 98 1.81 -10.38 -21.13
N ASP D 99 2.55 -9.47 -21.75
CA ASP D 99 2.70 -8.10 -21.28
C ASP D 99 3.21 -8.06 -19.84
N SER D 100 4.16 -8.94 -19.55
CA SER D 100 4.84 -8.90 -18.25
C SER D 100 5.82 -7.75 -18.25
N HIS D 101 5.81 -6.97 -17.17
CA HIS D 101 6.91 -6.10 -16.85
C HIS D 101 8.19 -6.94 -16.69
N LEU D 102 9.21 -6.60 -17.48
CA LEU D 102 10.49 -7.31 -17.40
C LEU D 102 11.59 -6.51 -16.70
N GLY D 103 11.77 -5.25 -17.14
CA GLY D 103 12.79 -4.37 -16.58
C GLY D 103 12.93 -3.12 -17.39
N HIS D 104 14.18 -2.72 -17.60
CA HIS D 104 14.50 -1.49 -18.32
C HIS D 104 15.60 -1.66 -19.33
N VAL D 105 15.57 -0.82 -20.36
CA VAL D 105 16.67 -0.87 -21.31
C VAL D 105 17.41 0.46 -21.24
N PHE D 106 18.75 0.35 -21.22
CA PHE D 106 19.64 1.51 -21.17
C PHE D 106 20.58 1.56 -22.38
N PRO D 107 20.91 2.77 -22.84
CA PRO D 107 21.81 2.93 -23.98
C PRO D 107 23.27 2.76 -23.61
N ASP D 108 23.57 2.00 -22.56
CA ASP D 108 24.94 1.91 -22.09
C ASP D 108 25.55 0.52 -22.19
N GLY D 109 25.06 -0.28 -23.13
CA GLY D 109 25.58 -1.62 -23.32
C GLY D 109 26.83 -1.66 -24.19
N PRO D 110 27.46 -2.83 -24.32
CA PRO D 110 28.72 -2.94 -25.09
C PRO D 110 28.55 -2.51 -26.55
N ARG D 111 29.51 -1.75 -27.07
CA ARG D 111 29.35 -1.23 -28.44
C ARG D 111 29.40 -2.35 -29.49
N ASP D 112 30.31 -3.30 -29.35
CA ASP D 112 30.42 -4.37 -30.35
C ASP D 112 29.19 -5.26 -30.42
N LYS D 113 28.40 -5.25 -29.35
CA LYS D 113 27.14 -5.99 -29.30
C LYS D 113 25.93 -5.10 -29.58
N GLY D 114 26.15 -3.83 -29.87
CA GLY D 114 25.06 -2.95 -30.27
C GLY D 114 24.69 -1.81 -29.34
N GLY D 115 25.36 -1.70 -28.20
CA GLY D 115 25.17 -0.53 -27.33
C GLY D 115 24.00 -0.48 -26.36
N LEU D 116 23.14 -1.50 -26.39
CA LEU D 116 21.98 -1.57 -25.48
C LEU D 116 22.24 -2.50 -24.32
N ARG D 117 21.64 -2.16 -23.17
CA ARG D 117 21.64 -3.03 -22.00
C ARG D 117 20.21 -3.20 -21.52
N TYR D 118 19.72 -4.41 -21.68
CA TYR D 118 18.40 -4.84 -21.20
C TYR D 118 18.65 -5.34 -19.79
N CYS D 119 18.13 -4.57 -18.84
CA CYS D 119 18.34 -4.81 -17.43
C CYS D 119 17.05 -5.38 -16.89
N ILE D 120 17.08 -6.69 -16.58
CA ILE D 120 15.83 -7.44 -16.48
C ILE D 120 15.73 -8.09 -15.12
N ASN D 121 14.58 -7.95 -14.45
CA ASN D 121 14.36 -8.70 -13.21
C ASN D 121 14.41 -10.21 -13.42
N GLY D 122 15.23 -10.91 -12.65
CA GLY D 122 15.22 -12.37 -12.73
C GLY D 122 13.84 -12.90 -12.41
N ALA D 123 13.14 -12.20 -11.51
CA ALA D 123 11.79 -12.55 -11.11
C ALA D 123 10.87 -12.67 -12.30
N SER D 124 11.14 -11.93 -13.38
CA SER D 124 10.24 -12.00 -14.53
C SER D 124 10.56 -13.17 -15.47
N LEU D 125 11.62 -13.91 -15.16
CA LEU D 125 12.15 -14.90 -16.10
C LEU D 125 12.14 -16.33 -15.58
N LYS D 126 12.24 -17.29 -16.49
CA LYS D 126 12.58 -18.65 -16.15
C LYS D 126 13.67 -19.14 -17.08
N PHE D 127 14.73 -19.69 -16.49
CA PHE D 127 15.86 -20.18 -17.26
C PHE D 127 15.61 -21.63 -17.68
N ILE D 128 15.78 -21.88 -18.97
CA ILE D 128 15.63 -23.21 -19.58
C ILE D 128 17.04 -23.51 -20.06
N PRO D 129 17.82 -24.32 -19.28
CA PRO D 129 19.17 -24.66 -19.72
C PRO D 129 19.16 -25.31 -21.11
N LEU D 130 20.25 -25.17 -21.84
CA LEU D 130 20.40 -25.69 -23.20
C LEU D 130 19.93 -27.15 -23.31
N GLU D 131 20.41 -27.96 -22.38
CA GLU D 131 20.17 -29.40 -22.38
C GLU D 131 18.73 -29.78 -22.02
N GLN D 132 17.90 -28.78 -21.73
CA GLN D 132 16.50 -29.07 -21.41
C GLN D 132 15.57 -28.45 -22.43
N MSE D 133 16.15 -27.75 -23.39
CA MSE D 133 15.38 -26.95 -24.34
C MSE D 133 14.57 -27.79 -25.30
O MSE D 133 13.44 -27.44 -25.63
CB MSE D 133 16.30 -26.01 -25.08
CG MSE D 133 16.68 -24.77 -24.28
SE MSE D 133 17.88 -23.63 -25.32
CE MSE D 133 16.68 -23.00 -26.70
N ASP D 134 15.15 -28.90 -25.77
CA ASP D 134 14.42 -29.83 -26.65
C ASP D 134 13.18 -30.38 -25.97
N ALA D 135 13.36 -30.98 -24.78
CA ALA D 135 12.25 -31.54 -24.01
C ALA D 135 11.22 -30.46 -23.61
N ALA D 136 11.67 -29.22 -23.45
CA ALA D 136 10.84 -28.10 -22.99
C ALA D 136 10.06 -27.43 -24.14
N GLY D 137 10.40 -27.81 -25.35
CA GLY D 137 9.67 -27.38 -26.54
C GLY D 137 10.28 -26.19 -27.27
N TYR D 138 11.53 -25.88 -26.92
CA TYR D 138 12.23 -24.70 -27.46
C TYR D 138 13.39 -25.13 -28.36
N GLY D 139 13.21 -26.26 -29.05
CA GLY D 139 14.27 -26.84 -29.89
C GLY D 139 14.65 -25.93 -31.04
N ALA D 140 13.63 -25.25 -31.59
CA ALA D 140 13.78 -24.31 -32.71
C ALA D 140 14.70 -23.13 -32.37
N LEU D 141 14.85 -22.85 -31.08
CA LEU D 141 15.63 -21.70 -30.63
C LEU D 141 17.04 -22.05 -30.11
N LYS D 142 17.43 -23.32 -30.18
CA LYS D 142 18.78 -23.72 -29.77
C LYS D 142 19.86 -23.05 -30.60
N SER D 143 19.54 -22.65 -31.84
CA SER D 143 20.49 -21.93 -32.69
C SER D 143 20.84 -20.55 -32.11
N LYS D 144 19.93 -20.00 -31.28
CA LYS D 144 20.16 -18.70 -30.65
C LYS D 144 21.10 -18.79 -29.45
N VAL D 145 21.38 -20.02 -29.03
CA VAL D 145 22.30 -20.27 -27.94
C VAL D 145 23.62 -20.63 -28.58
P PO4 E . -16.57 0.86 2.60
O1 PO4 E . -17.10 1.41 1.29
O2 PO4 E . -15.88 1.97 3.31
O3 PO4 E . -17.74 0.30 3.40
O4 PO4 E . -15.53 -0.21 2.30
P PO4 F . 0.85 15.47 -6.92
O1 PO4 F . -0.45 16.28 -7.13
O2 PO4 F . 2.06 16.40 -6.73
O3 PO4 F . 0.66 14.55 -5.73
O4 PO4 F . 1.10 14.62 -8.17
P PO4 G . 8.30 1.91 -15.10
O1 PO4 G . 7.19 2.26 -16.06
O2 PO4 G . 8.13 2.71 -13.85
O3 PO4 G . 8.20 0.43 -14.81
O4 PO4 G . 9.61 2.26 -15.76
#